data_5I6R
#
_entry.id   5I6R
#
_cell.length_a   93.300
_cell.length_b   29.760
_cell.length_c   94.630
_cell.angle_alpha   90.00
_cell.angle_beta   92.99
_cell.angle_gamma   90.00
#
_symmetry.space_group_name_H-M   'P 1 2 1'
#
loop_
_entity.id
_entity.type
_entity.pdbx_description
1 polymer 'SLIT-ROBO Rho GTPase-activating protein 2'
2 non-polymer D-MALATE
3 non-polymer 'ACETATE ION'
4 non-polymer 'TRIETHYLENE GLYCOL'
5 water water
#
_entity_poly.entity_id   1
_entity_poly.type   'polypeptide(L)'
_entity_poly.pdbx_seq_one_letter_code
;MTSPAKFKKDKEIIAEYDTQVKEIRAQLTEQMKCLDQQCELRVQLLQDLQDFFRKKAEIEMDYSRNLEKLAERFLAKTRS
TKDQQFKKDQNVLSPVNCWNLLLNQVKRESRDHTTLSDIYLNNIIPRFVQVSEDSGRLFKKSKEVGQQLQDDLMKVLNEL
YSVMKTYHMYNADSISAQSKLKEAEKQEEKQIGKSVKQEDRQTPRSPDSTANVRIEEKHVRRSSVKKIEKMKEKRQAKYT
ENKLKAIKARNEYLLALEATNASVFKYYIHDLSDLIDQCYDLGYHASLNRALRTFLSAELNLEQSKHEGLDAIENAVENL
DATSDKQRLMEMYNNVFCPPMKFEFQPHMGDMASQLCAQQPVQSELVQRCQQLQSRLSTLKIENEEVKKTMEATLQTIQD
IVTVEDFDVSDCFQYSNSMESVKSTVSETFMSKPSIAKRRANQQETEQFYFTKMKEYLEGRNLITKLQAKHDLLQKTLGE
SQRT
;
_entity_poly.pdbx_strand_id   A
#
# COMPACT_ATOMS: atom_id res chain seq x y z
N ALA A 5 -2.75 -35.91 60.29
CA ALA A 5 -3.39 -34.65 59.79
C ALA A 5 -3.76 -33.70 60.94
N LYS A 6 -3.85 -32.40 60.62
CA LYS A 6 -4.35 -31.38 61.56
C LYS A 6 -5.76 -31.72 62.04
N PHE A 7 -6.04 -31.34 63.30
CA PHE A 7 -7.38 -31.37 63.92
CA PHE A 7 -7.38 -31.36 63.87
C PHE A 7 -7.85 -29.92 63.88
N LYS A 8 -8.78 -29.61 62.97
CA LYS A 8 -9.16 -28.21 62.73
C LYS A 8 -10.54 -27.86 63.22
N LYS A 9 -10.69 -26.63 63.72
CA LYS A 9 -11.97 -26.07 64.19
C LYS A 9 -12.52 -25.02 63.22
N ASP A 10 -13.67 -24.46 63.57
CA ASP A 10 -14.38 -23.53 62.68
C ASP A 10 -13.59 -22.29 62.27
N LYS A 11 -12.94 -21.61 63.22
CA LYS A 11 -12.22 -20.35 62.93
C LYS A 11 -11.14 -20.49 61.85
N GLU A 12 -10.35 -21.56 61.96
CA GLU A 12 -9.25 -21.86 61.05
C GLU A 12 -9.75 -22.24 59.66
N ILE A 13 -10.67 -23.22 59.59
CA ILE A 13 -11.27 -23.65 58.31
C ILE A 13 -11.89 -22.45 57.57
N ILE A 14 -12.62 -21.61 58.31
CA ILE A 14 -13.27 -20.44 57.73
C ILE A 14 -12.24 -19.44 57.21
N ALA A 15 -11.22 -19.16 58.02
CA ALA A 15 -10.17 -18.19 57.66
C ALA A 15 -9.35 -18.63 56.44
N GLU A 16 -8.96 -19.91 56.41
CA GLU A 16 -8.23 -20.47 55.28
C GLU A 16 -9.06 -20.39 53.99
N TYR A 17 -10.36 -20.68 54.11
CA TYR A 17 -11.30 -20.51 53.02
C TYR A 17 -11.42 -19.04 52.63
N ASP A 18 -11.53 -18.16 53.62
CA ASP A 18 -11.70 -16.74 53.38
C ASP A 18 -10.51 -16.15 52.62
N THR A 19 -9.32 -16.67 52.92
CA THR A 19 -8.07 -16.32 52.25
C THR A 19 -8.19 -16.59 50.73
N GLN A 20 -8.55 -17.83 50.37
CA GLN A 20 -8.71 -18.17 48.95
CA GLN A 20 -8.78 -18.25 48.98
C GLN A 20 -9.86 -17.38 48.32
N VAL A 21 -10.96 -17.14 49.05
CA VAL A 21 -12.05 -16.31 48.54
C VAL A 21 -11.59 -14.88 48.20
N LYS A 22 -10.77 -14.31 49.10
CA LYS A 22 -10.28 -12.94 48.91
C LYS A 22 -9.29 -12.90 47.75
N GLU A 23 -8.53 -13.98 47.59
CA GLU A 23 -7.66 -14.14 46.41
C GLU A 23 -8.46 -14.11 45.12
N ILE A 24 -9.57 -14.86 45.07
CA ILE A 24 -10.43 -14.93 43.90
C ILE A 24 -11.06 -13.57 43.61
N ARG A 25 -11.57 -12.90 44.66
CA ARG A 25 -12.16 -11.56 44.50
CA ARG A 25 -12.15 -11.56 44.52
C ARG A 25 -11.13 -10.61 43.91
N ALA A 26 -9.90 -10.67 44.43
CA ALA A 26 -8.78 -9.86 43.96
C ALA A 26 -8.47 -10.14 42.48
N GLN A 27 -8.40 -11.42 42.12
CA GLN A 27 -8.20 -11.82 40.73
C GLN A 27 -9.36 -11.38 39.81
N LEU A 28 -10.61 -11.46 40.30
CA LEU A 28 -11.77 -10.98 39.53
C LEU A 28 -11.68 -9.49 39.21
N THR A 29 -11.32 -8.70 40.22
CA THR A 29 -11.07 -7.25 39.99
C THR A 29 -9.99 -7.00 38.91
N GLU A 30 -8.85 -7.66 39.04
CA GLU A 30 -7.81 -7.57 38.04
C GLU A 30 -8.27 -7.91 36.62
N GLN A 31 -9.10 -8.96 36.49
CA GLN A 31 -9.68 -9.34 35.20
C GLN A 31 -10.49 -8.21 34.62
N MET A 32 -11.26 -7.56 35.48
CA MET A 32 -12.03 -6.40 35.08
C MET A 32 -11.11 -5.23 34.68
N LYS A 33 -10.00 -5.03 35.39
CA LYS A 33 -9.05 -3.96 35.05
C LYS A 33 -8.34 -4.20 33.71
N CYS A 34 -7.92 -5.44 33.48
CA CYS A 34 -7.35 -5.84 32.20
C CYS A 34 -8.34 -5.58 31.06
N LEU A 35 -9.60 -5.94 31.24
CA LEU A 35 -10.62 -5.76 30.20
C LEU A 35 -10.88 -4.29 29.89
N ASP A 36 -11.04 -3.48 30.94
CA ASP A 36 -11.16 -2.01 30.82
C ASP A 36 -9.99 -1.42 30.02
N GLN A 37 -8.77 -1.81 30.40
CA GLN A 37 -7.53 -1.34 29.77
CA GLN A 37 -7.57 -1.30 29.76
C GLN A 37 -7.49 -1.69 28.28
N GLN A 38 -7.87 -2.92 27.93
CA GLN A 38 -7.96 -3.36 26.56
C GLN A 38 -9.00 -2.59 25.73
N CYS A 39 -10.14 -2.27 26.35
CA CYS A 39 -11.16 -1.39 25.75
C CYS A 39 -10.66 0.04 25.50
N GLU A 40 -9.94 0.62 26.47
CA GLU A 40 -9.39 1.98 26.33
C GLU A 40 -8.37 1.99 25.18
N LEU A 41 -7.57 0.92 25.05
CA LEU A 41 -6.68 0.76 23.92
C LEU A 41 -7.40 0.72 22.55
N ARG A 42 -8.49 -0.03 22.47
CA ARG A 42 -9.28 -0.09 21.24
CA ARG A 42 -9.28 -0.08 21.24
C ARG A 42 -9.86 1.27 20.87
N VAL A 43 -10.45 1.95 21.88
CA VAL A 43 -11.01 3.29 21.71
C VAL A 43 -9.90 4.23 21.21
N GLN A 44 -8.72 4.16 21.81
CA GLN A 44 -7.59 5.00 21.40
C GLN A 44 -7.09 4.76 19.97
N LEU A 45 -7.01 3.48 19.55
CA LEU A 45 -6.59 3.11 18.22
C LEU A 45 -7.56 3.66 17.18
N LEU A 46 -8.85 3.45 17.44
CA LEU A 46 -9.89 3.97 16.56
C LEU A 46 -9.84 5.50 16.47
N GLN A 47 -9.49 6.17 17.59
CA GLN A 47 -9.34 7.63 17.56
C GLN A 47 -8.12 8.04 16.71
N ASP A 48 -7.00 7.34 16.92
CA ASP A 48 -5.80 7.53 16.12
C ASP A 48 -6.08 7.31 14.63
N LEU A 49 -6.84 6.26 14.32
CA LEU A 49 -7.20 5.96 12.95
C LEU A 49 -8.01 7.10 12.31
N GLN A 50 -8.98 7.63 13.06
CA GLN A 50 -9.70 8.85 12.63
C GLN A 50 -8.78 10.05 12.43
N ASP A 51 -7.89 10.31 13.37
CA ASP A 51 -7.00 11.47 13.24
C ASP A 51 -6.00 11.28 12.09
N PHE A 52 -5.51 10.05 11.94
CA PHE A 52 -4.61 9.69 10.85
C PHE A 52 -5.27 9.99 9.50
N PHE A 53 -6.48 9.49 9.29
CA PHE A 53 -7.17 9.70 8.02
C PHE A 53 -7.64 11.14 7.78
N ARG A 54 -8.04 11.86 8.83
CA ARG A 54 -8.41 13.27 8.74
CA ARG A 54 -8.40 13.28 8.72
C ARG A 54 -7.20 14.08 8.22
N LYS A 55 -6.04 13.84 8.81
CA LYS A 55 -4.84 14.53 8.39
C LYS A 55 -4.38 14.14 6.96
N LYS A 56 -4.46 12.84 6.65
CA LYS A 56 -4.06 12.37 5.35
C LYS A 56 -5.00 12.94 4.28
N ALA A 57 -6.31 13.03 4.56
CA ALA A 57 -7.24 13.67 3.62
C ALA A 57 -6.77 15.09 3.32
N GLU A 58 -6.34 15.81 4.37
CA GLU A 58 -5.85 17.17 4.23
C GLU A 58 -4.58 17.21 3.36
N ILE A 59 -3.62 16.36 3.69
CA ILE A 59 -2.40 16.20 2.90
C ILE A 59 -2.72 15.91 1.43
N GLU A 60 -3.70 15.02 1.20
CA GLU A 60 -4.07 14.63 -0.15
C GLU A 60 -4.72 15.76 -0.99
N MET A 61 -5.60 16.54 -0.35
CA MET A 61 -6.22 17.70 -0.98
C MET A 61 -5.18 18.74 -1.39
N ASP A 62 -4.20 18.93 -0.53
CA ASP A 62 -3.13 19.88 -0.76
C ASP A 62 -2.36 19.49 -2.01
N TYR A 63 -1.94 18.23 -2.01
CA TYR A 63 -1.21 17.65 -3.11
C TYR A 63 -2.02 17.81 -4.41
N SER A 64 -3.29 17.44 -4.35
CA SER A 64 -4.23 17.55 -5.46
C SER A 64 -4.30 18.98 -6.01
N ARG A 65 -4.51 19.96 -5.12
CA ARG A 65 -4.60 21.39 -5.48
CA ARG A 65 -4.61 21.38 -5.53
C ARG A 65 -3.31 21.85 -6.18
N ASN A 66 -2.17 21.50 -5.60
CA ASN A 66 -0.87 21.84 -6.17
C ASN A 66 -0.68 21.26 -7.57
N LEU A 67 -1.05 19.99 -7.77
CA LEU A 67 -0.99 19.35 -9.09
C LEU A 67 -1.91 20.02 -10.10
N GLU A 68 -3.11 20.43 -9.65
CA GLU A 68 -4.05 21.15 -10.50
CA GLU A 68 -4.06 21.14 -10.48
C GLU A 68 -3.47 22.48 -10.98
N LYS A 69 -2.93 23.27 -10.06
CA LYS A 69 -2.29 24.54 -10.45
C LYS A 69 -1.06 24.30 -11.34
N LEU A 70 -0.35 23.19 -11.14
CA LEU A 70 0.79 22.84 -12.02
C LEU A 70 0.33 22.64 -13.47
N ALA A 71 -0.78 21.92 -13.63
CA ALA A 71 -1.31 21.62 -14.95
C ALA A 71 -1.89 22.90 -15.57
N GLU A 72 -2.71 23.61 -14.81
CA GLU A 72 -3.31 24.87 -15.27
C GLU A 72 -2.25 25.88 -15.72
N ARG A 73 -1.17 26.03 -14.94
CA ARG A 73 -0.07 26.91 -15.29
C ARG A 73 0.39 26.72 -16.77
N PHE A 74 0.57 25.46 -17.16
CA PHE A 74 1.07 25.16 -18.50
C PHE A 74 -0.01 24.99 -19.55
N LEU A 75 -1.21 24.58 -19.14
CA LEU A 75 -2.34 24.49 -20.05
C LEU A 75 -2.88 25.86 -20.48
N ALA A 76 -2.55 26.91 -19.72
CA ALA A 76 -2.90 28.29 -20.07
C ALA A 76 -1.88 28.94 -21.03
N LYS A 77 -0.59 28.71 -20.79
CA LYS A 77 0.47 29.23 -21.66
C LYS A 77 0.67 28.32 -22.87
N THR A 78 -0.35 28.26 -23.72
CA THR A 78 -0.32 27.46 -24.95
C THR A 78 0.28 28.31 -26.08
N ASN A 91 -1.15 19.84 -29.98
CA ASN A 91 -0.57 19.95 -31.33
C ASN A 91 -0.06 18.62 -31.97
N VAL A 92 0.09 18.66 -33.29
CA VAL A 92 0.47 17.53 -34.13
C VAL A 92 1.89 16.96 -33.96
N LEU A 93 2.86 17.75 -33.56
CA LEU A 93 4.26 17.24 -33.55
C LEU A 93 4.56 16.35 -32.35
N SER A 94 5.29 15.25 -32.61
CA SER A 94 5.49 14.22 -31.58
C SER A 94 5.98 14.70 -30.19
N PRO A 95 6.93 15.69 -30.14
CA PRO A 95 7.31 16.17 -28.79
C PRO A 95 6.18 16.94 -28.06
N VAL A 96 5.35 17.65 -28.82
CA VAL A 96 4.27 18.41 -28.22
C VAL A 96 3.18 17.45 -27.72
N ASN A 97 3.04 16.33 -28.43
CA ASN A 97 2.12 15.29 -28.02
C ASN A 97 2.53 14.67 -26.67
N CYS A 98 3.83 14.41 -26.48
CA CYS A 98 4.40 13.94 -25.21
C CYS A 98 4.09 14.93 -24.08
N TRP A 99 4.47 16.20 -24.29
CA TRP A 99 4.10 17.31 -23.42
C TRP A 99 2.59 17.34 -23.06
N ASN A 100 1.69 17.38 -24.05
CA ASN A 100 0.22 17.33 -23.82
C ASN A 100 -0.19 16.19 -22.88
N LEU A 101 0.35 14.99 -23.13
CA LEU A 101 0.00 13.82 -22.36
C LEU A 101 0.59 13.88 -20.95
N LEU A 102 1.78 14.46 -20.84
CA LEU A 102 2.40 14.75 -19.55
C LEU A 102 1.49 15.67 -18.70
N LEU A 103 0.95 16.73 -19.29
CA LEU A 103 0.06 17.65 -18.57
C LEU A 103 -1.29 16.96 -18.23
N ASN A 104 -1.79 16.15 -19.16
CA ASN A 104 -3.00 15.35 -18.89
CA ASN A 104 -3.00 15.34 -18.92
C ASN A 104 -2.84 14.42 -17.69
N GLN A 105 -1.67 13.79 -17.56
CA GLN A 105 -1.36 12.93 -16.44
C GLN A 105 -1.41 13.66 -15.09
N VAL A 106 -0.94 14.90 -15.08
CA VAL A 106 -1.05 15.75 -13.89
C VAL A 106 -2.52 16.02 -13.57
N LYS A 107 -3.34 16.41 -14.57
CA LYS A 107 -4.78 16.64 -14.34
CA LYS A 107 -4.78 16.63 -14.36
C LYS A 107 -5.43 15.40 -13.76
N ARG A 108 -5.14 14.24 -14.35
CA ARG A 108 -5.67 12.96 -13.89
C ARG A 108 -5.26 12.69 -12.43
N GLU A 109 -3.99 12.89 -12.10
CA GLU A 109 -3.48 12.61 -10.77
C GLU A 109 -4.09 13.57 -9.74
N SER A 110 -4.31 14.81 -10.16
CA SER A 110 -4.93 15.80 -9.28
C SER A 110 -6.33 15.32 -8.90
N ARG A 111 -7.13 14.96 -9.88
CA ARG A 111 -8.47 14.47 -9.62
C ARG A 111 -8.50 13.22 -8.72
N ASP A 112 -7.65 12.25 -9.04
CA ASP A 112 -7.56 11.02 -8.25
C ASP A 112 -7.26 11.23 -6.76
N HIS A 113 -6.40 12.21 -6.46
CA HIS A 113 -6.11 12.53 -5.07
C HIS A 113 -7.23 13.31 -4.34
N THR A 114 -8.03 14.10 -5.07
CA THR A 114 -9.28 14.67 -4.55
C THR A 114 -10.26 13.54 -4.21
N THR A 115 -10.44 12.61 -5.15
CA THR A 115 -11.27 11.43 -4.92
C THR A 115 -10.81 10.68 -3.67
N LEU A 116 -9.49 10.52 -3.51
CA LEU A 116 -8.92 9.87 -2.35
C LEU A 116 -9.29 10.59 -1.05
N SER A 117 -9.14 11.90 -1.07
CA SER A 117 -9.53 12.74 0.05
C SER A 117 -11.03 12.62 0.35
N ASP A 118 -11.88 12.64 -0.67
CA ASP A 118 -13.31 12.45 -0.46
C ASP A 118 -13.61 11.10 0.18
N ILE A 119 -12.95 10.03 -0.30
CA ILE A 119 -13.15 8.68 0.24
C ILE A 119 -12.73 8.62 1.71
N TYR A 120 -11.60 9.23 2.04
CA TYR A 120 -11.18 9.33 3.43
C TYR A 120 -12.26 10.02 4.25
N LEU A 121 -12.70 11.21 3.80
CA LEU A 121 -13.64 12.03 4.59
C LEU A 121 -15.06 11.46 4.67
N ASN A 122 -15.57 10.95 3.56
CA ASN A 122 -16.96 10.56 3.44
C ASN A 122 -17.24 9.08 3.66
N ASN A 123 -16.21 8.26 3.54
CA ASN A 123 -16.36 6.82 3.65
C ASN A 123 -15.59 6.28 4.87
N ILE A 124 -14.26 6.43 4.88
CA ILE A 124 -13.38 5.79 5.87
C ILE A 124 -13.51 6.34 7.31
N ILE A 125 -13.37 7.67 7.45
CA ILE A 125 -13.51 8.32 8.77
C ILE A 125 -14.86 8.02 9.44
N PRO A 126 -16.01 8.18 8.72
CA PRO A 126 -17.29 7.81 9.33
C PRO A 126 -17.35 6.37 9.83
N ARG A 127 -16.67 5.44 9.15
CA ARG A 127 -16.61 4.05 9.62
C ARG A 127 -15.90 3.96 10.96
N PHE A 128 -14.78 4.65 11.12
CA PHE A 128 -14.09 4.64 12.41
C PHE A 128 -14.90 5.35 13.51
N VAL A 129 -15.54 6.48 13.16
CA VAL A 129 -16.44 7.20 14.08
C VAL A 129 -17.55 6.24 14.56
N GLN A 130 -18.19 5.57 13.61
CA GLN A 130 -19.26 4.64 13.89
C GLN A 130 -18.78 3.47 14.76
N VAL A 131 -17.62 2.90 14.43
CA VAL A 131 -17.05 1.77 15.20
C VAL A 131 -16.68 2.17 16.63
N SER A 132 -16.14 3.39 16.79
CA SER A 132 -15.85 3.96 18.11
CA SER A 132 -15.85 3.93 18.12
C SER A 132 -17.11 4.03 18.97
N GLU A 133 -18.16 4.61 18.39
CA GLU A 133 -19.46 4.76 19.05
C GLU A 133 -20.06 3.40 19.42
N ASP A 134 -20.03 2.48 18.46
CA ASP A 134 -20.51 1.11 18.67
C ASP A 134 -19.72 0.38 19.75
N SER A 135 -18.38 0.52 19.73
CA SER A 135 -17.48 -0.03 20.76
C SER A 135 -17.79 0.51 22.14
N GLY A 136 -18.08 1.81 22.23
CA GLY A 136 -18.56 2.41 23.47
C GLY A 136 -19.78 1.66 23.99
N ARG A 137 -20.79 1.48 23.14
CA ARG A 137 -22.02 0.75 23.50
CA ARG A 137 -22.01 0.78 23.53
C ARG A 137 -21.70 -0.67 23.94
N LEU A 138 -21.00 -1.38 23.04
CA LEU A 138 -20.65 -2.79 23.14
C LEU A 138 -19.89 -3.15 24.42
N PHE A 139 -18.91 -2.30 24.76
CA PHE A 139 -18.07 -2.51 25.93
C PHE A 139 -18.81 -2.30 27.23
N LYS A 140 -19.76 -1.36 27.24
CA LYS A 140 -20.60 -1.11 28.41
C LYS A 140 -21.43 -2.36 28.70
N LYS A 141 -22.05 -2.91 27.66
CA LYS A 141 -22.84 -4.13 27.73
C LYS A 141 -22.02 -5.37 28.06
N SER A 142 -20.82 -5.47 27.49
CA SER A 142 -19.94 -6.61 27.75
C SER A 142 -19.46 -6.66 29.20
N LYS A 143 -19.14 -5.48 29.72
CA LYS A 143 -18.80 -5.26 31.13
C LYS A 143 -19.93 -5.63 32.07
N GLU A 144 -21.17 -5.37 31.66
CA GLU A 144 -22.37 -5.77 32.43
C GLU A 144 -22.50 -7.28 32.50
N VAL A 145 -22.37 -7.94 31.35
CA VAL A 145 -22.27 -9.40 31.30
C VAL A 145 -21.16 -9.91 32.24
N GLY A 146 -19.98 -9.30 32.14
CA GLY A 146 -18.83 -9.63 33.01
C GLY A 146 -19.16 -9.52 34.48
N GLN A 147 -19.79 -8.40 34.86
CA GLN A 147 -20.15 -8.16 36.26
C GLN A 147 -21.22 -9.14 36.74
N GLN A 148 -22.16 -9.50 35.87
CA GLN A 148 -23.17 -10.53 36.20
C GLN A 148 -22.45 -11.85 36.54
N LEU A 149 -21.50 -12.23 35.69
CA LEU A 149 -20.71 -13.43 35.87
C LEU A 149 -19.95 -13.42 37.19
N GLN A 150 -19.27 -12.32 37.47
CA GLN A 150 -18.46 -12.19 38.68
C GLN A 150 -19.34 -12.11 39.93
N ASP A 151 -20.49 -11.44 39.82
CA ASP A 151 -21.44 -11.33 40.91
C ASP A 151 -22.05 -12.68 41.32
N ASP A 152 -22.46 -13.47 40.34
CA ASP A 152 -22.98 -14.82 40.60
CA ASP A 152 -22.98 -14.81 40.67
C ASP A 152 -21.87 -15.68 41.23
N LEU A 153 -20.66 -15.62 40.66
CA LEU A 153 -19.54 -16.42 41.23
C LEU A 153 -19.22 -16.08 42.69
N MET A 154 -19.13 -14.77 42.97
CA MET A 154 -18.94 -14.32 44.34
C MET A 154 -20.07 -14.76 45.28
N LYS A 155 -21.30 -14.69 44.79
CA LYS A 155 -22.51 -15.17 45.49
CA LYS A 155 -22.48 -15.17 45.51
C LYS A 155 -22.32 -16.62 45.94
N VAL A 156 -21.86 -17.45 45.00
CA VAL A 156 -21.65 -18.89 45.25
C VAL A 156 -20.55 -19.13 46.31
N LEU A 157 -19.42 -18.43 46.16
CA LEU A 157 -18.34 -18.54 47.15
C LEU A 157 -18.80 -18.12 48.55
N ASN A 158 -19.58 -17.04 48.59
CA ASN A 158 -20.09 -16.53 49.85
C ASN A 158 -21.16 -17.41 50.50
N GLU A 159 -21.81 -18.29 49.72
CA GLU A 159 -22.82 -19.23 50.25
CA GLU A 159 -22.81 -19.21 50.28
C GLU A 159 -22.14 -20.35 51.06
N LEU A 160 -20.92 -20.70 50.68
CA LEU A 160 -20.23 -21.82 51.32
C LEU A 160 -19.90 -21.64 52.82
N TYR A 161 -19.75 -20.39 53.27
CA TYR A 161 -19.36 -20.08 54.66
C TYR A 161 -20.36 -20.66 55.65
N SER A 162 -21.65 -20.30 55.50
CA SER A 162 -22.69 -20.81 56.39
C SER A 162 -22.87 -22.32 56.29
N VAL A 163 -22.68 -22.87 55.10
CA VAL A 163 -22.84 -24.30 54.89
C VAL A 163 -21.80 -25.04 55.71
N MET A 164 -20.56 -24.53 55.69
CA MET A 164 -19.47 -25.11 56.48
C MET A 164 -19.65 -24.91 57.99
N LYS A 165 -20.03 -23.69 58.37
CA LYS A 165 -20.30 -23.32 59.74
CA LYS A 165 -20.32 -23.33 59.75
C LYS A 165 -21.37 -24.26 60.36
N THR A 166 -22.49 -24.49 59.65
CA THR A 166 -23.51 -25.45 60.07
C THR A 166 -22.93 -26.86 60.26
N TYR A 167 -22.06 -27.29 59.33
CA TYR A 167 -21.45 -28.60 59.45
C TYR A 167 -20.54 -28.66 60.65
N HIS A 168 -19.87 -27.55 60.95
CA HIS A 168 -18.96 -27.46 62.11
C HIS A 168 -19.69 -27.47 63.46
N MET A 169 -20.79 -26.74 63.55
CA MET A 169 -21.62 -26.69 64.75
C MET A 169 -22.21 -28.09 65.04
N TYR A 170 -22.94 -28.65 64.08
CA TYR A 170 -23.56 -29.97 64.26
C TYR A 170 -22.57 -31.09 64.50
N ASN A 171 -21.39 -31.01 63.89
CA ASN A 171 -20.36 -32.01 64.14
C ASN A 171 -19.83 -31.95 65.58
N ALA A 172 -19.74 -30.74 66.12
CA ALA A 172 -19.27 -30.48 67.49
C ALA A 172 -20.27 -31.02 68.50
N ASP A 173 -21.55 -30.72 68.26
CA ASP A 173 -22.67 -31.27 69.04
C ASP A 173 -22.67 -32.80 69.05
N SER A 174 -22.33 -33.40 67.91
CA SER A 174 -22.24 -34.85 67.78
C SER A 174 -21.09 -35.43 68.59
N ILE A 175 -19.95 -34.72 68.61
CA ILE A 175 -18.76 -35.14 69.37
C ILE A 175 -18.99 -35.06 70.91
N SER A 176 -19.56 -33.95 71.38
CA SER A 176 -19.80 -33.74 72.80
C SER A 176 -21.01 -34.51 73.37
N ALA A 177 -22.00 -34.82 72.52
CA ALA A 177 -23.07 -35.74 72.91
C ALA A 177 -22.51 -37.15 73.07
N GLN A 178 -21.52 -37.50 72.23
CA GLN A 178 -20.77 -38.76 72.35
C GLN A 178 -19.95 -38.84 73.63
N SER A 179 -19.37 -37.72 74.05
CA SER A 179 -18.66 -37.62 75.33
C SER A 179 -19.57 -37.93 76.51
N LYS A 180 -20.67 -37.19 76.62
CA LYS A 180 -21.64 -37.36 77.71
C LYS A 180 -22.31 -38.73 77.72
N LEU A 181 -22.53 -39.31 76.54
CA LEU A 181 -23.01 -40.69 76.43
C LEU A 181 -21.98 -41.71 76.94
N LYS A 182 -20.73 -41.57 76.52
CA LYS A 182 -19.71 -42.58 76.83
C LYS A 182 -19.30 -42.65 78.29
N GLU A 183 -19.32 -41.50 78.97
CA GLU A 183 -19.08 -41.44 80.41
C GLU A 183 -20.27 -42.05 81.18
N ALA A 184 -21.49 -41.74 80.73
CA ALA A 184 -22.71 -42.33 81.27
C ALA A 184 -22.80 -43.84 81.01
N GLU A 185 -21.99 -44.34 80.09
CA GLU A 185 -21.79 -45.78 79.90
C GLU A 185 -20.75 -46.33 80.88
N LYS A 186 -19.74 -45.52 81.19
CA LYS A 186 -18.72 -45.88 82.19
C LYS A 186 -19.27 -45.81 83.62
N GLN A 187 -20.23 -44.92 83.85
CA GLN A 187 -20.93 -44.83 85.12
C GLN A 187 -22.06 -45.86 85.27
N GLU A 188 -22.43 -46.49 84.16
CA GLU A 188 -23.41 -47.58 84.15
C GLU A 188 -22.81 -48.83 84.80
N GLU A 189 -21.61 -49.19 84.36
CA GLU A 189 -20.85 -50.32 84.92
C GLU A 189 -20.16 -49.97 86.26
N LYS A 190 -20.39 -48.74 86.74
CA LYS A 190 -20.02 -48.32 88.08
C LYS A 190 -21.04 -48.85 89.10
N GLN A 191 -22.29 -48.37 89.01
CA GLN A 191 -23.40 -48.83 89.88
C GLN A 191 -23.78 -50.29 89.66
N ILE A 192 -23.44 -50.83 88.50
CA ILE A 192 -23.51 -52.26 88.23
C ILE A 192 -22.11 -52.83 88.34
N ARG A 222 -31.13 -50.73 92.79
CA ARG A 222 -32.30 -50.55 91.95
C ARG A 222 -32.69 -49.07 91.83
N SER A 223 -32.72 -48.36 92.96
CA SER A 223 -33.03 -46.92 93.01
C SER A 223 -32.11 -46.07 92.13
N SER A 224 -30.80 -46.15 92.38
CA SER A 224 -29.81 -45.39 91.61
C SER A 224 -29.52 -46.01 90.24
N VAL A 225 -29.55 -47.35 90.16
CA VAL A 225 -29.32 -48.11 88.91
C VAL A 225 -30.34 -47.75 87.82
N LYS A 226 -31.59 -47.53 88.24
CA LYS A 226 -32.66 -47.06 87.37
C LYS A 226 -32.38 -45.62 86.92
N LYS A 227 -31.99 -44.76 87.87
CA LYS A 227 -31.76 -43.33 87.65
C LYS A 227 -30.66 -43.00 86.62
N ILE A 228 -29.58 -43.79 86.62
CA ILE A 228 -28.51 -43.63 85.63
C ILE A 228 -28.76 -44.38 84.32
N GLU A 229 -29.68 -45.35 84.35
CA GLU A 229 -30.14 -45.99 83.11
C GLU A 229 -30.94 -45.01 82.24
N LYS A 230 -31.89 -44.29 82.85
CA LYS A 230 -32.70 -43.28 82.17
C LYS A 230 -31.85 -42.12 81.69
N MET A 231 -30.75 -41.87 82.41
CA MET A 231 -29.72 -40.89 82.03
C MET A 231 -29.02 -41.29 80.72
N LYS A 232 -28.33 -42.44 80.72
CA LYS A 232 -27.62 -42.95 79.54
C LYS A 232 -28.55 -43.22 78.35
N GLU A 233 -29.84 -43.39 78.65
CA GLU A 233 -30.88 -43.49 77.65
C GLU A 233 -31.08 -42.14 76.96
N LYS A 234 -31.23 -41.07 77.77
CA LYS A 234 -31.41 -39.72 77.27
C LYS A 234 -30.20 -39.24 76.44
N ARG A 235 -29.01 -39.74 76.81
CA ARG A 235 -27.79 -39.44 76.08
C ARG A 235 -27.81 -40.16 74.73
N GLN A 236 -28.17 -41.44 74.75
CA GLN A 236 -28.27 -42.26 73.55
C GLN A 236 -29.19 -41.64 72.51
N ALA A 237 -30.35 -41.15 72.96
CA ALA A 237 -31.29 -40.42 72.11
C ALA A 237 -30.66 -39.15 71.53
N LYS A 238 -29.98 -38.39 72.37
CA LYS A 238 -29.42 -37.11 71.98
C LYS A 238 -28.23 -37.25 71.03
N TYR A 239 -27.29 -38.15 71.34
CA TYR A 239 -26.23 -38.53 70.42
C TYR A 239 -26.77 -38.95 69.05
N THR A 240 -27.67 -39.94 69.02
CA THR A 240 -28.31 -40.46 67.80
C THR A 240 -28.91 -39.32 66.94
N GLU A 241 -29.68 -38.45 67.59
CA GLU A 241 -30.21 -37.23 66.99
C GLU A 241 -29.07 -36.33 66.41
N ASN A 242 -28.02 -36.16 67.20
CA ASN A 242 -26.95 -35.26 66.86
C ASN A 242 -26.03 -35.80 65.79
N LYS A 243 -25.81 -37.12 65.81
CA LYS A 243 -25.01 -37.78 64.79
C LYS A 243 -25.71 -37.59 63.44
N LEU A 244 -27.04 -37.72 63.47
CA LEU A 244 -27.90 -37.57 62.29
C LEU A 244 -27.86 -36.15 61.72
N LYS A 245 -28.05 -35.15 62.59
CA LYS A 245 -27.89 -33.73 62.22
C LYS A 245 -26.55 -33.47 61.52
N ALA A 246 -25.47 -33.99 62.10
CA ALA A 246 -24.11 -33.84 61.60
C ALA A 246 -23.90 -34.47 60.20
N ILE A 247 -24.36 -35.72 60.03
CA ILE A 247 -24.35 -36.41 58.74
C ILE A 247 -25.04 -35.56 57.67
N LYS A 248 -26.26 -35.10 57.95
CA LYS A 248 -27.04 -34.29 57.01
C LYS A 248 -26.33 -32.98 56.61
N ALA A 249 -25.71 -32.32 57.60
CA ALA A 249 -24.96 -31.09 57.37
C ALA A 249 -23.68 -31.34 56.54
N ARG A 250 -22.99 -32.46 56.82
CA ARG A 250 -21.85 -32.91 56.03
CA ARG A 250 -21.85 -32.91 56.03
C ARG A 250 -22.26 -33.14 54.58
N ASN A 251 -23.39 -33.82 54.39
CA ASN A 251 -23.95 -34.09 53.06
C ASN A 251 -24.25 -32.78 52.30
N GLU A 252 -24.90 -31.84 53.00
CA GLU A 252 -25.15 -30.51 52.48
C GLU A 252 -23.87 -29.81 52.03
N TYR A 253 -22.84 -29.93 52.87
CA TYR A 253 -21.54 -29.34 52.62
C TYR A 253 -20.87 -29.91 51.37
N LEU A 254 -20.86 -31.24 51.27
CA LEU A 254 -20.34 -31.95 50.09
C LEU A 254 -21.10 -31.56 48.82
N LEU A 255 -22.42 -31.44 48.93
CA LEU A 255 -23.24 -31.04 47.78
C LEU A 255 -22.90 -29.62 47.37
N ALA A 256 -22.79 -28.72 48.35
CA ALA A 256 -22.48 -27.34 48.08
C ALA A 256 -21.06 -27.16 47.50
N LEU A 257 -20.10 -27.94 48.00
CA LEU A 257 -18.76 -27.95 47.49
C LEU A 257 -18.70 -28.27 46.02
N GLU A 258 -19.46 -29.30 45.65
CA GLU A 258 -19.57 -29.73 44.27
C GLU A 258 -20.11 -28.62 43.35
N ALA A 259 -21.11 -27.88 43.83
CA ALA A 259 -21.70 -26.78 43.06
C ALA A 259 -20.70 -25.61 42.97
N THR A 260 -19.92 -25.45 44.03
CA THR A 260 -18.97 -24.37 44.12
C THR A 260 -17.81 -24.56 43.14
N ASN A 261 -17.22 -25.76 43.14
CA ASN A 261 -16.15 -26.10 42.20
C ASN A 261 -16.60 -26.05 40.74
N ALA A 262 -17.82 -26.51 40.47
CA ALA A 262 -18.41 -26.46 39.11
C ALA A 262 -18.55 -25.02 38.63
N SER A 263 -19.01 -24.13 39.52
CA SER A 263 -19.16 -22.70 39.21
C SER A 263 -17.83 -22.01 38.93
N VAL A 264 -16.84 -22.25 39.79
CA VAL A 264 -15.49 -21.71 39.64
C VAL A 264 -14.87 -22.18 38.29
N PHE A 265 -14.96 -23.49 38.02
CA PHE A 265 -14.46 -24.10 36.80
C PHE A 265 -15.12 -23.49 35.57
N LYS A 266 -16.46 -23.41 35.58
CA LYS A 266 -17.18 -22.90 34.42
C LYS A 266 -16.70 -21.48 34.13
N TYR A 267 -16.57 -20.66 35.18
CA TYR A 267 -16.17 -19.27 35.00
C TYR A 267 -14.78 -19.18 34.38
N TYR A 268 -13.81 -19.86 35.00
CA TYR A 268 -12.42 -19.73 34.59
C TYR A 268 -12.08 -20.40 33.26
N ILE A 269 -12.70 -21.53 32.99
CA ILE A 269 -12.34 -22.34 31.82
C ILE A 269 -13.23 -22.03 30.60
N HIS A 270 -14.47 -21.59 30.83
CA HIS A 270 -15.36 -21.28 29.72
C HIS A 270 -15.84 -19.85 29.62
N ASP A 271 -16.41 -19.33 30.71
CA ASP A 271 -17.13 -18.07 30.64
C ASP A 271 -16.25 -16.87 30.31
N LEU A 272 -15.03 -16.80 30.84
CA LEU A 272 -14.14 -15.67 30.54
C LEU A 272 -13.79 -15.60 29.07
N SER A 273 -13.37 -16.75 28.52
CA SER A 273 -13.04 -16.90 27.12
C SER A 273 -14.25 -16.51 26.24
N ASP A 274 -15.43 -17.02 26.61
CA ASP A 274 -16.65 -16.78 25.87
C ASP A 274 -17.07 -15.34 25.93
N LEU A 275 -16.90 -14.73 27.10
CA LEU A 275 -17.19 -13.33 27.29
C LEU A 275 -16.38 -12.49 26.29
N ILE A 276 -15.08 -12.77 26.17
CA ILE A 276 -14.24 -12.07 25.20
C ILE A 276 -14.71 -12.31 23.77
N ASP A 277 -14.88 -13.58 23.37
CA ASP A 277 -15.22 -13.94 22.00
C ASP A 277 -16.58 -13.38 21.55
N GLN A 278 -17.58 -13.57 22.41
CA GLN A 278 -18.99 -13.37 22.07
CA GLN A 278 -18.99 -13.37 22.06
C GLN A 278 -19.48 -11.96 22.42
N CYS A 279 -18.82 -11.31 23.37
CA CYS A 279 -19.21 -9.95 23.74
C CYS A 279 -18.21 -8.90 23.32
N TYR A 280 -17.04 -8.90 23.95
CA TYR A 280 -16.05 -7.84 23.73
C TYR A 280 -15.58 -7.68 22.28
N ASP A 281 -15.46 -8.80 21.58
CA ASP A 281 -14.93 -8.84 20.23
C ASP A 281 -16.02 -8.81 19.16
N LEU A 282 -17.24 -8.46 19.55
CA LEU A 282 -18.36 -8.47 18.61
C LEU A 282 -18.20 -7.40 17.53
N GLY A 283 -18.05 -7.84 16.28
CA GLY A 283 -17.98 -6.91 15.17
C GLY A 283 -16.67 -6.14 14.96
N TYR A 284 -15.76 -6.16 15.93
CA TYR A 284 -14.56 -5.34 15.89
C TYR A 284 -13.61 -5.63 14.68
N HIS A 285 -13.04 -6.84 14.65
CA HIS A 285 -12.14 -7.26 13.55
C HIS A 285 -12.80 -7.14 12.17
N ALA A 286 -14.06 -7.55 12.09
CA ALA A 286 -14.86 -7.45 10.85
C ALA A 286 -15.01 -6.03 10.33
N SER A 287 -15.32 -5.09 11.23
CA SER A 287 -15.47 -3.68 10.91
C SER A 287 -14.17 -3.04 10.49
N LEU A 288 -13.11 -3.33 11.23
CA LEU A 288 -11.76 -2.87 10.94
C LEU A 288 -11.24 -3.40 9.59
N ASN A 289 -11.53 -4.68 9.32
CA ASN A 289 -11.23 -5.31 8.04
C ASN A 289 -11.83 -4.50 6.88
N ARG A 290 -13.13 -4.23 6.93
CA ARG A 290 -13.80 -3.48 5.89
C ARG A 290 -13.25 -2.06 5.76
N ALA A 291 -13.03 -1.39 6.90
CA ALA A 291 -12.52 -0.02 6.86
C ALA A 291 -11.14 -0.01 6.19
N LEU A 292 -10.28 -0.93 6.60
CA LEU A 292 -8.96 -0.99 6.02
C LEU A 292 -8.95 -1.46 4.56
N ARG A 293 -9.86 -2.35 4.19
CA ARG A 293 -9.99 -2.76 2.77
C ARG A 293 -10.53 -1.66 1.87
N THR A 294 -11.27 -0.72 2.46
CA THR A 294 -11.73 0.46 1.72
C THR A 294 -10.51 1.32 1.39
N PHE A 295 -9.63 1.48 2.36
CA PHE A 295 -8.34 2.13 2.15
C PHE A 295 -7.58 1.44 1.01
N LEU A 296 -7.45 0.11 1.09
CA LEU A 296 -6.70 -0.63 0.04
C LEU A 296 -7.31 -0.52 -1.36
N SER A 297 -8.63 -0.57 -1.45
CA SER A 297 -9.37 -0.41 -2.69
C SER A 297 -9.11 0.96 -3.32
N ALA A 298 -9.27 2.04 -2.52
CA ALA A 298 -8.94 3.40 -2.93
C ALA A 298 -7.53 3.53 -3.52
N GLU A 299 -6.52 2.97 -2.82
CA GLU A 299 -5.13 2.96 -3.28
C GLU A 299 -4.92 2.18 -4.58
N LEU A 300 -5.42 0.94 -4.62
CA LEU A 300 -5.36 0.11 -5.80
C LEU A 300 -5.93 0.87 -7.03
N ASN A 301 -7.08 1.52 -6.85
CA ASN A 301 -7.72 2.25 -7.95
C ASN A 301 -6.93 3.47 -8.43
N LEU A 302 -6.35 4.21 -7.48
CA LEU A 302 -5.51 5.34 -7.82
C LEU A 302 -4.26 4.88 -8.59
N GLU A 303 -3.68 3.76 -8.16
CA GLU A 303 -2.56 3.17 -8.85
CA GLU A 303 -2.57 3.08 -8.83
C GLU A 303 -2.94 2.68 -10.26
N GLN A 304 -4.13 2.11 -10.44
CA GLN A 304 -4.56 1.69 -11.77
C GLN A 304 -4.76 2.88 -12.70
N SER A 305 -5.40 3.93 -12.20
CA SER A 305 -5.57 5.16 -12.94
C SER A 305 -4.21 5.79 -13.33
N LYS A 306 -3.28 5.86 -12.37
CA LYS A 306 -1.95 6.42 -12.64
C LYS A 306 -1.25 5.60 -13.72
N HIS A 307 -1.28 4.27 -13.56
CA HIS A 307 -0.65 3.35 -14.52
C HIS A 307 -1.13 3.59 -15.95
N GLU A 308 -2.44 3.75 -16.10
CA GLU A 308 -3.07 4.11 -17.37
CA GLU A 308 -3.07 4.09 -17.36
C GLU A 308 -2.48 5.39 -17.94
N GLY A 309 -2.39 6.44 -17.10
CA GLY A 309 -1.82 7.72 -17.49
C GLY A 309 -0.41 7.57 -17.98
N LEU A 310 0.44 6.92 -17.20
CA LEU A 310 1.85 6.70 -17.55
C LEU A 310 2.04 5.85 -18.82
N ASP A 311 1.13 4.91 -19.07
CA ASP A 311 1.14 4.11 -20.31
CA ASP A 311 1.17 4.12 -20.31
C ASP A 311 0.89 4.99 -21.55
N ALA A 312 -0.03 5.96 -21.42
CA ALA A 312 -0.31 6.88 -22.50
C ALA A 312 0.93 7.78 -22.84
N ILE A 313 1.68 8.16 -21.82
CA ILE A 313 2.92 8.90 -22.00
C ILE A 313 3.98 8.02 -22.64
N GLU A 314 4.09 6.76 -22.19
CA GLU A 314 5.02 5.82 -22.79
C GLU A 314 4.74 5.58 -24.28
N ASN A 315 3.47 5.42 -24.65
CA ASN A 315 3.07 5.38 -26.06
C ASN A 315 3.53 6.59 -26.89
N ALA A 316 3.30 7.80 -26.35
CA ALA A 316 3.76 9.06 -26.95
C ALA A 316 5.25 9.12 -27.14
N VAL A 317 5.98 8.63 -26.15
CA VAL A 317 7.43 8.65 -26.16
C VAL A 317 7.94 7.72 -27.27
N GLU A 318 7.31 6.55 -27.39
CA GLU A 318 7.62 5.62 -28.45
C GLU A 318 7.25 6.14 -29.83
N ASN A 319 6.30 7.07 -29.90
CA ASN A 319 5.93 7.70 -31.16
C ASN A 319 6.79 8.94 -31.52
N LEU A 320 7.81 9.25 -30.71
CA LEU A 320 8.79 10.29 -31.06
C LEU A 320 9.44 9.90 -32.38
N ASP A 321 9.30 10.76 -33.38
CA ASP A 321 9.67 10.42 -34.77
C ASP A 321 10.06 11.67 -35.57
N ALA A 322 11.36 11.91 -35.66
CA ALA A 322 11.89 13.11 -36.37
C ALA A 322 11.42 13.23 -37.82
N THR A 323 11.49 12.14 -38.58
CA THR A 323 11.09 12.21 -40.00
C THR A 323 9.61 12.43 -40.22
N SER A 324 8.76 11.76 -39.42
CA SER A 324 7.32 12.00 -39.45
CA SER A 324 7.32 11.99 -39.44
C SER A 324 6.99 13.45 -39.08
N ASP A 325 7.68 13.98 -38.06
CA ASP A 325 7.48 15.39 -37.70
C ASP A 325 7.87 16.32 -38.84
N LYS A 326 8.91 15.93 -39.58
CA LYS A 326 9.38 16.72 -40.72
C LYS A 326 8.35 16.70 -41.87
N GLN A 327 7.80 15.52 -42.17
CA GLN A 327 6.70 15.36 -43.14
CA GLN A 327 6.71 15.37 -43.15
C GLN A 327 5.54 16.26 -42.77
N ARG A 328 5.15 16.24 -41.50
CA ARG A 328 4.06 17.06 -40.98
CA ARG A 328 4.06 17.06 -40.99
C ARG A 328 4.34 18.55 -41.16
N LEU A 329 5.56 18.96 -40.83
CA LEU A 329 5.98 20.35 -41.00
C LEU A 329 5.94 20.82 -42.45
N MET A 330 6.52 20.01 -43.34
CA MET A 330 6.62 20.36 -44.76
C MET A 330 5.24 20.43 -45.43
N GLU A 331 4.34 19.57 -44.97
CA GLU A 331 2.95 19.57 -45.42
CA GLU A 331 2.95 19.58 -45.44
C GLU A 331 2.13 20.75 -44.87
N MET A 332 2.34 21.08 -43.61
CA MET A 332 1.73 22.27 -43.00
C MET A 332 2.08 23.52 -43.79
N TYR A 333 3.38 23.70 -44.03
CA TYR A 333 3.93 24.86 -44.73
C TYR A 333 4.27 24.51 -46.19
N ASN A 334 3.31 23.88 -46.87
CA ASN A 334 3.49 23.41 -48.25
C ASN A 334 4.16 24.45 -49.17
N ASN A 335 3.60 25.66 -49.16
CA ASN A 335 4.03 26.76 -50.02
C ASN A 335 5.43 27.31 -49.72
N VAL A 336 5.88 27.12 -48.48
CA VAL A 336 7.26 27.43 -48.11
C VAL A 336 8.27 26.47 -48.81
N PHE A 337 7.91 25.19 -48.95
CA PHE A 337 8.85 24.15 -49.39
C PHE A 337 8.65 23.63 -50.79
N CYS A 338 7.58 24.08 -51.44
CA CYS A 338 7.22 23.66 -52.78
CA CYS A 338 7.26 23.60 -52.78
C CYS A 338 8.27 24.10 -53.81
N PRO A 339 8.76 23.17 -54.67
CA PRO A 339 9.75 23.56 -55.67
C PRO A 339 9.18 24.47 -56.78
N PRO A 340 9.98 25.43 -57.28
CA PRO A 340 9.54 26.28 -58.38
C PRO A 340 9.52 25.55 -59.73
N MET A 341 8.80 26.12 -60.69
CA MET A 341 8.81 25.62 -62.06
CA MET A 341 8.82 25.61 -62.07
C MET A 341 10.23 25.72 -62.63
N LYS A 342 10.64 24.67 -63.32
CA LYS A 342 11.90 24.58 -64.06
C LYS A 342 12.15 25.81 -64.96
N PHE A 343 13.38 26.30 -65.02
CA PHE A 343 13.70 27.33 -66.00
C PHE A 343 13.82 26.71 -67.38
N GLU A 344 13.22 27.37 -68.36
CA GLU A 344 13.18 26.90 -69.73
C GLU A 344 14.08 27.80 -70.56
N PHE A 345 14.64 27.23 -71.62
CA PHE A 345 15.33 27.99 -72.66
C PHE A 345 14.37 29.03 -73.25
N GLN A 346 14.79 30.29 -73.20
CA GLN A 346 14.02 31.40 -73.76
C GLN A 346 14.62 31.92 -75.09
N PRO A 347 14.02 31.51 -76.24
CA PRO A 347 14.51 31.98 -77.55
C PRO A 347 14.49 33.50 -77.63
N HIS A 348 15.60 34.08 -78.06
CA HIS A 348 15.77 35.52 -78.25
C HIS A 348 15.51 35.90 -79.71
N MET A 349 14.76 36.99 -79.88
CA MET A 349 14.40 37.53 -81.20
C MET A 349 14.10 36.41 -82.21
N GLY A 350 13.19 35.50 -81.84
CA GLY A 350 12.70 34.47 -82.75
C GLY A 350 13.61 33.31 -83.09
N ASP A 351 14.64 33.08 -82.26
CA ASP A 351 15.63 32.02 -82.48
C ASP A 351 14.97 30.64 -82.60
N MET A 352 15.33 29.95 -83.69
CA MET A 352 14.82 28.64 -84.09
CA MET A 352 14.71 28.65 -83.95
C MET A 352 15.49 27.48 -83.34
N ALA A 353 16.72 27.72 -82.92
CA ALA A 353 17.53 26.66 -82.29
C ALA A 353 17.31 26.61 -80.79
N SER A 354 17.29 25.38 -80.25
CA SER A 354 16.99 25.14 -78.84
C SER A 354 17.95 24.11 -78.19
N GLN A 355 18.86 23.56 -78.99
CA GLN A 355 19.78 22.52 -78.54
C GLN A 355 21.24 22.95 -78.80
N LEU A 356 22.18 22.28 -78.12
CA LEU A 356 23.60 22.43 -78.42
C LEU A 356 23.88 22.27 -79.92
N CYS A 357 24.79 23.10 -80.45
CA CYS A 357 25.26 22.96 -81.82
C CYS A 357 26.68 22.44 -81.73
N ALA A 358 26.90 21.22 -82.22
CA ALA A 358 28.21 20.57 -82.14
C ALA A 358 28.84 20.32 -83.52
N GLN A 359 28.57 21.25 -84.44
CA GLN A 359 29.16 21.25 -85.77
C GLN A 359 30.57 21.82 -85.70
N GLN A 360 31.36 21.60 -86.74
CA GLN A 360 32.68 22.25 -86.86
C GLN A 360 32.48 23.76 -87.10
N PRO A 361 33.34 24.63 -86.56
CA PRO A 361 34.54 24.28 -85.77
C PRO A 361 34.30 24.01 -84.29
N VAL A 362 33.11 24.29 -83.79
CA VAL A 362 32.83 24.26 -82.33
C VAL A 362 32.89 22.85 -81.69
N GLN A 363 32.78 21.81 -82.52
CA GLN A 363 32.77 20.43 -82.05
C GLN A 363 34.03 20.07 -81.27
N SER A 364 35.19 20.44 -81.81
CA SER A 364 36.48 20.09 -81.20
C SER A 364 36.55 20.65 -79.78
N GLU A 365 36.28 21.94 -79.61
CA GLU A 365 36.28 22.59 -78.30
C GLU A 365 35.24 21.97 -77.33
N LEU A 366 34.06 21.59 -77.84
CA LEU A 366 33.06 20.88 -77.02
C LEU A 366 33.52 19.49 -76.57
N VAL A 367 34.23 18.79 -77.44
CA VAL A 367 34.84 17.50 -77.11
C VAL A 367 35.91 17.67 -76.03
N GLN A 368 36.74 18.70 -76.22
CA GLN A 368 37.79 19.08 -75.27
C GLN A 368 37.18 19.34 -73.89
N ARG A 369 36.13 20.16 -73.87
CA ARG A 369 35.38 20.53 -72.69
C ARG A 369 34.77 19.33 -71.96
N CYS A 370 34.10 18.47 -72.73
CA CYS A 370 33.47 17.25 -72.19
C CYS A 370 34.49 16.41 -71.41
N GLN A 371 35.63 16.13 -72.06
CA GLN A 371 36.74 15.38 -71.47
C GLN A 371 37.28 16.10 -70.24
N GLN A 372 37.48 17.41 -70.37
CA GLN A 372 37.86 18.28 -69.26
C GLN A 372 36.93 18.11 -68.05
N LEU A 373 35.62 18.19 -68.28
CA LEU A 373 34.60 18.02 -67.23
C LEU A 373 34.68 16.65 -66.60
N GLN A 374 34.83 15.62 -67.43
CA GLN A 374 34.84 14.23 -66.97
C GLN A 374 35.96 13.88 -66.01
N SER A 375 37.19 14.24 -66.34
CA SER A 375 38.35 13.90 -65.51
C SER A 375 38.32 14.69 -64.19
N ARG A 376 37.87 15.93 -64.29
CA ARG A 376 37.71 16.82 -63.15
C ARG A 376 36.63 16.28 -62.21
N LEU A 377 35.53 15.79 -62.79
CA LEU A 377 34.45 15.17 -62.03
C LEU A 377 34.89 13.92 -61.30
N SER A 378 35.80 13.15 -61.92
CA SER A 378 36.41 11.97 -61.30
C SER A 378 37.25 12.29 -60.07
N THR A 379 38.08 13.32 -60.17
CA THR A 379 38.88 13.82 -59.04
C THR A 379 37.93 14.25 -57.92
N LEU A 380 36.98 15.12 -58.26
CA LEU A 380 36.07 15.71 -57.27
C LEU A 380 35.23 14.67 -56.56
N LYS A 381 34.75 13.66 -57.30
CA LYS A 381 33.92 12.61 -56.73
C LYS A 381 34.66 11.72 -55.75
N ILE A 382 35.92 11.37 -56.08
CA ILE A 382 36.76 10.57 -55.18
C ILE A 382 36.98 11.35 -53.88
N GLU A 383 37.32 12.63 -54.02
CA GLU A 383 37.51 13.54 -52.88
CA GLU A 383 37.52 13.50 -52.86
C GLU A 383 36.22 13.69 -52.05
N ASN A 384 35.10 13.91 -52.75
CA ASN A 384 33.80 14.10 -52.11
C ASN A 384 33.31 12.87 -51.32
N GLU A 385 33.55 11.67 -51.89
CA GLU A 385 33.21 10.41 -51.20
CA GLU A 385 33.26 10.36 -51.24
C GLU A 385 33.97 10.24 -49.89
N GLU A 386 35.26 10.63 -49.87
CA GLU A 386 36.11 10.58 -48.67
CA GLU A 386 36.06 10.54 -48.64
C GLU A 386 35.57 11.49 -47.57
N VAL A 387 35.14 12.70 -47.96
CA VAL A 387 34.54 13.65 -47.01
C VAL A 387 33.18 13.12 -46.52
N LYS A 388 32.38 12.58 -47.45
CA LYS A 388 31.11 11.93 -47.11
C LYS A 388 31.27 10.81 -46.06
N LYS A 389 32.27 9.95 -46.26
CA LYS A 389 32.51 8.83 -45.34
CA LYS A 389 32.57 8.82 -45.37
C LYS A 389 32.95 9.30 -43.96
N THR A 390 33.76 10.35 -43.90
CA THR A 390 34.12 10.97 -42.62
C THR A 390 32.87 11.53 -41.95
N MET A 391 32.04 12.21 -42.73
CA MET A 391 30.85 12.85 -42.18
C MET A 391 29.87 11.79 -41.63
N GLU A 392 29.68 10.71 -42.38
CA GLU A 392 28.81 9.60 -41.98
C GLU A 392 29.31 8.86 -40.73
N ALA A 393 30.62 8.56 -40.67
CA ALA A 393 31.20 7.92 -39.47
C ALA A 393 31.05 8.80 -38.23
N THR A 394 31.21 10.11 -38.41
CA THR A 394 31.06 11.03 -37.31
C THR A 394 29.59 11.09 -36.87
N LEU A 395 28.66 11.04 -37.83
CA LEU A 395 27.23 11.03 -37.51
C LEU A 395 26.86 9.82 -36.66
N GLN A 396 27.43 8.67 -37.02
CA GLN A 396 27.22 7.44 -36.27
C GLN A 396 27.65 7.64 -34.82
N THR A 397 28.82 8.25 -34.63
CA THR A 397 29.35 8.46 -33.30
C THR A 397 28.39 9.31 -32.48
N ILE A 398 27.89 10.38 -33.09
CA ILE A 398 26.90 11.26 -32.46
C ILE A 398 25.64 10.46 -32.08
N GLN A 399 25.17 9.58 -32.98
CA GLN A 399 24.01 8.73 -32.69
C GLN A 399 24.24 7.83 -31.50
N ASP A 400 25.44 7.25 -31.41
CA ASP A 400 25.87 6.47 -30.25
C ASP A 400 25.81 7.26 -28.97
N ILE A 401 26.26 8.51 -29.05
CA ILE A 401 26.25 9.39 -27.89
C ILE A 401 24.82 9.65 -27.43
N VAL A 402 23.95 10.06 -28.35
CA VAL A 402 22.66 10.62 -27.95
C VAL A 402 21.59 9.56 -27.67
N THR A 403 21.83 8.31 -28.05
CA THR A 403 20.90 7.22 -27.81
C THR A 403 21.31 6.28 -26.66
N VAL A 404 22.28 6.69 -25.84
CA VAL A 404 22.73 5.89 -24.70
C VAL A 404 21.57 5.64 -23.71
N GLU A 405 21.31 4.38 -23.38
CA GLU A 405 20.23 4.03 -22.45
C GLU A 405 20.67 4.30 -21.02
N ASP A 406 20.44 5.54 -20.57
CA ASP A 406 20.89 6.02 -19.27
C ASP A 406 19.69 6.51 -18.42
N PHE A 407 18.55 5.86 -18.61
CA PHE A 407 17.30 6.38 -18.06
C PHE A 407 16.71 5.54 -16.92
N ASP A 408 17.28 4.35 -16.69
CA ASP A 408 16.84 3.48 -15.60
CA ASP A 408 16.85 3.47 -15.60
C ASP A 408 17.33 4.02 -14.26
N VAL A 409 16.38 4.39 -13.41
CA VAL A 409 16.72 4.98 -12.11
C VAL A 409 16.34 4.10 -10.90
N SER A 410 16.19 2.79 -11.15
CA SER A 410 15.88 1.76 -10.13
C SER A 410 16.79 1.76 -8.90
N ASP A 411 18.08 1.97 -9.11
CA ASP A 411 19.04 2.03 -8.02
C ASP A 411 18.73 3.08 -6.98
N CYS A 412 18.04 4.14 -7.40
CA CYS A 412 17.72 5.27 -6.52
C CYS A 412 16.68 4.90 -5.49
N PHE A 413 15.96 3.81 -5.74
CA PHE A 413 14.89 3.41 -4.84
C PHE A 413 15.30 2.31 -3.85
N GLN A 414 16.56 1.85 -3.93
CA GLN A 414 17.13 0.89 -2.96
C GLN A 414 17.94 1.58 -1.85
N TYR A 415 17.40 1.53 -0.63
CA TYR A 415 17.90 2.33 0.50
C TYR A 415 18.79 1.58 1.53
N SER A 416 19.00 0.28 1.31
CA SER A 416 19.75 -0.55 2.26
C SER A 416 20.84 -1.43 1.62
N SER A 435 33.80 14.73 -14.75
CA SER A 435 33.51 13.58 -15.60
C SER A 435 32.34 13.83 -16.54
N ILE A 436 31.32 14.56 -16.05
CA ILE A 436 30.16 14.94 -16.86
C ILE A 436 30.56 15.92 -17.97
N ALA A 437 31.40 16.90 -17.62
CA ALA A 437 31.85 17.95 -18.54
C ALA A 437 32.83 17.42 -19.58
N LYS A 438 33.51 16.31 -19.28
CA LYS A 438 34.45 15.72 -20.22
C LYS A 438 33.78 14.93 -21.37
N ARG A 439 32.70 14.21 -21.06
CA ARG A 439 31.92 13.55 -22.11
C ARG A 439 31.11 14.58 -22.94
N ARG A 440 30.67 15.63 -22.25
CA ARG A 440 29.96 16.74 -22.85
C ARG A 440 30.89 17.52 -23.80
N ALA A 441 32.14 17.76 -23.39
CA ALA A 441 33.11 18.44 -24.27
C ALA A 441 33.49 17.59 -25.49
N ASN A 442 33.52 16.27 -25.30
CA ASN A 442 33.79 15.31 -26.37
C ASN A 442 32.66 15.29 -27.39
N GLN A 443 31.41 15.19 -26.92
CA GLN A 443 30.23 15.29 -27.80
C GLN A 443 30.23 16.60 -28.57
N GLN A 444 30.51 17.72 -27.89
CA GLN A 444 30.60 19.02 -28.52
C GLN A 444 31.62 19.07 -29.65
N GLU A 445 32.82 18.56 -29.40
CA GLU A 445 33.91 18.57 -30.39
CA GLU A 445 33.90 18.60 -30.41
C GLU A 445 33.60 17.65 -31.56
N THR A 446 32.96 16.52 -31.27
CA THR A 446 32.46 15.62 -32.31
C THR A 446 31.45 16.35 -33.23
N GLU A 447 30.53 17.10 -32.62
CA GLU A 447 29.53 17.83 -33.38
C GLU A 447 30.14 18.96 -34.19
N GLN A 448 31.12 19.64 -33.60
CA GLN A 448 31.95 20.62 -34.29
C GLN A 448 32.60 20.04 -35.55
N PHE A 449 33.31 18.93 -35.39
CA PHE A 449 33.91 18.22 -36.53
C PHE A 449 32.85 17.78 -37.56
N TYR A 450 31.71 17.33 -37.06
CA TYR A 450 30.60 16.93 -37.94
C TYR A 450 30.14 18.07 -38.86
N PHE A 451 29.90 19.25 -38.28
CA PHE A 451 29.47 20.40 -39.07
C PHE A 451 30.54 20.90 -40.05
N THR A 452 31.81 20.84 -39.63
CA THR A 452 32.94 21.13 -40.52
C THR A 452 32.88 20.24 -41.75
N LYS A 453 32.82 18.93 -41.55
CA LYS A 453 32.78 17.98 -42.67
C LYS A 453 31.51 18.11 -43.52
N MET A 454 30.37 18.47 -42.87
CA MET A 454 29.10 18.72 -43.54
CA MET A 454 29.09 18.75 -43.51
C MET A 454 29.20 19.90 -44.53
N LYS A 455 29.75 21.03 -44.07
CA LYS A 455 29.95 22.22 -44.88
C LYS A 455 30.85 21.89 -46.07
N GLU A 456 31.97 21.22 -45.78
CA GLU A 456 32.91 20.74 -46.80
C GLU A 456 32.23 19.82 -47.81
N TYR A 457 31.52 18.80 -47.30
CA TYR A 457 30.79 17.86 -48.15
C TYR A 457 29.82 18.57 -49.10
N LEU A 458 29.04 19.52 -48.56
CA LEU A 458 28.02 20.22 -49.33
C LEU A 458 28.60 21.11 -50.44
N GLU A 459 29.73 21.77 -50.16
CA GLU A 459 30.35 22.60 -51.17
CA GLU A 459 30.40 22.60 -51.15
C GLU A 459 30.86 21.74 -52.32
N GLY A 460 31.49 20.63 -51.97
CA GLY A 460 31.98 19.65 -52.93
C GLY A 460 30.85 19.17 -53.80
N ARG A 461 29.76 18.74 -53.16
CA ARG A 461 28.55 18.30 -53.84
C ARG A 461 27.93 19.35 -54.78
N ASN A 462 27.93 20.62 -54.36
CA ASN A 462 27.34 21.71 -55.15
C ASN A 462 28.08 21.93 -56.48
N LEU A 463 29.42 21.90 -56.42
CA LEU A 463 30.28 21.90 -57.61
C LEU A 463 30.07 20.65 -58.49
N ILE A 464 30.07 19.46 -57.88
CA ILE A 464 29.78 18.22 -58.64
C ILE A 464 28.43 18.29 -59.39
N THR A 465 27.39 18.86 -58.74
CA THR A 465 26.07 18.94 -59.35
C THR A 465 26.10 19.79 -60.62
N LYS A 466 26.77 20.94 -60.56
CA LYS A 466 26.87 21.85 -61.70
C LYS A 466 27.69 21.24 -62.83
N LEU A 467 28.86 20.70 -62.51
CA LEU A 467 29.75 20.14 -63.52
C LEU A 467 29.14 18.91 -64.20
N GLN A 468 28.49 18.05 -63.41
CA GLN A 468 27.86 16.83 -63.90
C GLN A 468 26.79 17.17 -64.93
N ALA A 469 25.94 18.14 -64.57
CA ALA A 469 24.82 18.59 -65.39
C ALA A 469 25.29 19.09 -66.74
N LYS A 470 26.42 19.80 -66.75
CA LYS A 470 26.98 20.33 -68.00
C LYS A 470 27.61 19.19 -68.78
N HIS A 471 28.32 18.31 -68.08
CA HIS A 471 28.94 17.14 -68.70
C HIS A 471 27.92 16.23 -69.38
N ASP A 472 26.81 15.96 -68.70
CA ASP A 472 25.77 15.05 -69.23
C ASP A 472 25.10 15.55 -70.48
N LEU A 473 24.83 16.86 -70.56
CA LEU A 473 24.29 17.50 -71.78
C LEU A 473 25.26 17.38 -72.96
N LEU A 474 26.55 17.55 -72.69
CA LEU A 474 27.60 17.38 -73.71
C LEU A 474 27.71 15.93 -74.19
N GLN A 475 27.73 14.99 -73.24
CA GLN A 475 27.75 13.54 -73.51
C GLN A 475 26.60 13.10 -74.42
N LYS A 476 25.41 13.64 -74.14
CA LYS A 476 24.22 13.42 -74.96
C LYS A 476 24.43 13.86 -76.40
N THR A 477 24.93 15.07 -76.58
CA THR A 477 25.16 15.67 -77.89
C THR A 477 26.33 14.99 -78.62
N LEU A 478 27.39 14.67 -77.89
CA LEU A 478 28.66 14.26 -78.48
C LEU A 478 28.89 12.77 -78.56
N GLY A 479 28.33 12.02 -77.60
CA GLY A 479 28.65 10.60 -77.44
C GLY A 479 30.08 10.37 -76.94
N GLU A 480 30.37 9.13 -76.55
CA GLU A 480 31.72 8.74 -76.14
C GLU A 480 32.72 8.68 -77.30
N SER A 481 32.20 8.52 -78.53
CA SER A 481 33.00 8.50 -79.75
C SER A 481 32.51 9.51 -80.79
N GLN A 482 33.24 10.62 -80.94
CA GLN A 482 33.00 11.64 -81.97
C GLN A 482 34.28 12.44 -82.25
#